data_9HFH
#
_entry.id   9HFH
#
_cell.length_a   84.914
_cell.length_b   84.914
_cell.length_c   91.277
_cell.angle_alpha   90.00
_cell.angle_beta   90.00
_cell.angle_gamma   120.00
#
_symmetry.space_group_name_H-M   'P 31 2 1'
#
loop_
_entity.id
_entity.type
_entity.pdbx_description
1 polymer 'Telomeric repeat-binding factor 1'
2 non-polymer 5-cyclobutyl-3-pyridin-2-yl-1,2,4-oxadiazole
3 non-polymer 'DIMETHYL SULFOXIDE'
4 water water
#
_entity_poly.entity_id   1
_entity_poly.type   'polypeptide(L)'
_entity_poly.pdbx_seq_one_letter_code
;SNAQVQVGAPEEEEEEEEDAGLVAEAEAVAAGWMLDFLCLSLCRAFRDGRSEDFRRTRNSAEAIIHGLSSLTACQLRTIY
ICQFLTRIAAGKTLDAQFENDERITPLESALMIWGSIEKEHDKLHEEIQNLIKIQAIAVCMENGNFKEAEEVFERIFGDP
NSHMPFKSKLLMIISQKDTFHSFFQHFSYNHMMEKIKSYVNYVLSEKSSTFLMKAAAKVVESKR
;
_entity_poly.pdbx_strand_id   A
#
loop_
_chem_comp.id
_chem_comp.type
_chem_comp.name
_chem_comp.formula
A1ITZ non-polymer 5-cyclobutyl-3-pyridin-2-yl-1,2,4-oxadiazole 'C11 H11 N3 O'
DMS non-polymer 'DIMETHYL SULFOXIDE' 'C2 H6 O S'
#
# COMPACT_ATOMS: atom_id res chain seq x y z
N GLU A 17 -27.74 8.06 33.84
CA GLU A 17 -26.42 8.01 34.46
C GLU A 17 -25.29 7.71 33.47
N GLU A 18 -25.52 7.90 32.16
CA GLU A 18 -24.48 7.63 31.15
C GLU A 18 -23.94 8.95 30.58
N ASP A 19 -22.61 9.10 30.53
CA ASP A 19 -22.02 10.31 29.98
C ASP A 19 -21.70 10.05 28.52
N ALA A 20 -22.49 10.63 27.61
CA ALA A 20 -22.33 10.45 26.15
C ALA A 20 -20.93 10.83 25.64
N GLY A 21 -20.30 11.84 26.25
CA GLY A 21 -18.96 12.27 25.87
C GLY A 21 -17.92 11.21 26.17
N LEU A 22 -17.99 10.58 27.34
CA LEU A 22 -17.06 9.54 27.76
C LEU A 22 -17.28 8.23 26.96
N VAL A 23 -18.53 7.98 26.54
CA VAL A 23 -18.85 6.82 25.70
C VAL A 23 -18.21 7.06 24.32
N ALA A 24 -18.37 8.27 23.75
CA ALA A 24 -17.77 8.63 22.45
C ALA A 24 -16.26 8.53 22.50
N GLU A 25 -15.64 8.93 23.64
CA GLU A 25 -14.19 8.82 23.82
C GLU A 25 -13.75 7.35 23.86
N ALA A 26 -14.51 6.47 24.55
CA ALA A 26 -14.20 5.05 24.62
C ALA A 26 -14.31 4.42 23.22
N GLU A 27 -15.30 4.86 22.43
CA GLU A 27 -15.43 4.38 21.05
C GLU A 27 -14.28 4.87 20.16
N ALA A 28 -13.71 6.06 20.45
CA ALA A 28 -12.59 6.58 19.68
C ALA A 28 -11.27 5.83 20.01
N VAL A 29 -11.09 5.43 21.29
CA VAL A 29 -9.94 4.64 21.72
C VAL A 29 -10.02 3.25 21.06
N ALA A 30 -11.22 2.67 20.99
CA ALA A 30 -11.43 1.35 20.40
C ALA A 30 -11.25 1.35 18.91
N ALA A 31 -11.68 2.43 18.24
CA ALA A 31 -11.47 2.61 16.79
C ALA A 31 -9.96 2.66 16.50
N GLY A 32 -9.19 3.35 17.34
CA GLY A 32 -7.75 3.46 17.23
C GLY A 32 -7.09 2.10 17.33
N TRP A 33 -7.56 1.27 18.27
CA TRP A 33 -7.07 -0.10 18.47
C TRP A 33 -7.41 -0.98 17.27
N MET A 34 -8.66 -0.90 16.79
CA MET A 34 -9.10 -1.68 15.64
C MET A 34 -8.31 -1.29 14.40
N LEU A 35 -7.97 0.00 14.24
CA LEU A 35 -7.19 0.49 13.11
C LEU A 35 -5.80 -0.16 13.06
N ASP A 36 -5.12 -0.23 14.21
CA ASP A 36 -3.79 -0.83 14.27
C ASP A 36 -3.88 -2.32 13.97
N PHE A 37 -4.87 -3.01 14.53
CA PHE A 37 -5.10 -4.43 14.34
C PHE A 37 -5.33 -4.75 12.85
N LEU A 38 -6.18 -3.96 12.20
CA LEU A 38 -6.51 -4.17 10.79
C LEU A 38 -5.34 -3.82 9.89
N CYS A 39 -4.48 -2.86 10.28
CA CYS A 39 -3.29 -2.55 9.49
C CYS A 39 -2.33 -3.76 9.52
N LEU A 40 -2.14 -4.35 10.71
CA LEU A 40 -1.32 -5.52 10.94
C LEU A 40 -1.83 -6.69 10.09
N SER A 41 -3.14 -6.91 10.10
CA SER A 41 -3.77 -7.98 9.35
C SER A 41 -3.65 -7.74 7.84
N LEU A 42 -3.78 -6.49 7.39
CA LEU A 42 -3.65 -6.13 5.97
C LEU A 42 -2.21 -6.37 5.50
N CYS A 43 -1.24 -6.00 6.34
CA CYS A 43 0.18 -6.20 6.09
C CYS A 43 0.50 -7.67 5.90
N ARG A 44 0.02 -8.54 6.80
CA ARG A 44 0.28 -9.98 6.71
C ARG A 44 -0.40 -10.60 5.50
N ALA A 45 -1.62 -10.15 5.17
CA ALA A 45 -2.34 -10.68 4.01
C ALA A 45 -1.65 -10.32 2.71
N PHE A 46 -1.09 -9.10 2.63
CA PHE A 46 -0.33 -8.61 1.47
C PHE A 46 0.95 -9.42 1.33
N ARG A 47 1.67 -9.61 2.46
CA ARG A 47 2.91 -10.38 2.53
C ARG A 47 2.71 -11.84 2.12
N ASP A 48 1.62 -12.45 2.60
CA ASP A 48 1.34 -13.87 2.31
C ASP A 48 0.68 -14.14 0.95
N GLY A 49 0.21 -13.11 0.26
CA GLY A 49 -0.48 -13.28 -1.02
C GLY A 49 -1.90 -13.78 -0.86
N ARG A 50 -2.52 -13.56 0.32
CA ARG A 50 -3.90 -13.97 0.60
C ARG A 50 -4.86 -12.85 0.13
N SER A 51 -5.14 -12.82 -1.18
CA SER A 51 -5.93 -11.80 -1.88
C SER A 51 -7.30 -11.53 -1.31
N GLU A 52 -8.05 -12.60 -0.99
CA GLU A 52 -9.40 -12.47 -0.47
C GLU A 52 -9.41 -11.99 0.94
N ASP A 53 -8.44 -12.44 1.75
CA ASP A 53 -8.29 -12.00 3.11
C ASP A 53 -7.90 -10.52 3.10
N PHE A 54 -6.98 -10.11 2.18
CA PHE A 54 -6.58 -8.71 2.02
C PHE A 54 -7.82 -7.85 1.68
N ARG A 55 -8.61 -8.24 0.66
CA ARG A 55 -9.82 -7.50 0.28
C ARG A 55 -10.79 -7.33 1.48
N ARG A 56 -10.98 -8.41 2.27
CA ARG A 56 -11.84 -8.35 3.44
C ARG A 56 -11.32 -7.41 4.52
N THR A 57 -10.03 -7.52 4.86
CA THR A 57 -9.40 -6.66 5.85
C THR A 57 -9.40 -5.19 5.43
N ARG A 58 -9.22 -4.92 4.13
CA ARG A 58 -9.26 -3.59 3.56
C ARG A 58 -10.67 -2.99 3.71
N ASN A 59 -11.72 -3.78 3.45
CA ASN A 59 -13.08 -3.31 3.58
C ASN A 59 -13.39 -2.96 5.04
N SER A 60 -12.89 -3.77 5.99
CA SER A 60 -13.06 -3.54 7.41
C SER A 60 -12.29 -2.30 7.86
N ALA A 61 -11.05 -2.12 7.41
CA ALA A 61 -10.24 -0.95 7.77
C ALA A 61 -10.89 0.31 7.22
N GLU A 62 -11.40 0.28 5.97
CA GLU A 62 -12.05 1.41 5.35
C GLU A 62 -13.28 1.83 6.16
N ALA A 63 -14.07 0.89 6.66
CA ALA A 63 -15.25 1.21 7.43
C ALA A 63 -14.88 1.77 8.82
N ILE A 64 -13.91 1.14 9.50
CA ILE A 64 -13.45 1.52 10.84
C ILE A 64 -12.92 2.96 10.84
N ILE A 65 -12.19 3.33 9.77
CA ILE A 65 -11.60 4.65 9.57
C ILE A 65 -12.68 5.76 9.52
N HIS A 66 -13.92 5.43 9.10
CA HIS A 66 -15.04 6.40 9.13
C HIS A 66 -15.46 6.77 10.55
N GLY A 67 -15.20 5.89 11.52
CA GLY A 67 -15.51 6.17 12.92
C GLY A 67 -14.54 7.12 13.58
N LEU A 68 -13.51 7.56 12.84
CA LEU A 68 -12.51 8.49 13.32
C LEU A 68 -12.65 9.82 12.56
N SER A 69 -12.79 10.94 13.26
CA SER A 69 -12.90 12.25 12.61
C SER A 69 -11.62 13.09 12.80
N SER A 70 -10.83 12.77 13.82
CA SER A 70 -9.58 13.43 14.14
C SER A 70 -8.53 12.34 14.27
N LEU A 71 -7.41 12.45 13.55
CA LEU A 71 -6.35 11.45 13.64
C LEU A 71 -5.02 12.04 14.09
N THR A 72 -4.26 11.27 14.90
CA THR A 72 -2.93 11.69 15.30
C THR A 72 -1.96 11.48 14.11
N ALA A 73 -0.72 11.99 14.21
CA ALA A 73 0.31 11.81 13.20
C ALA A 73 0.55 10.30 12.92
N CYS A 74 0.58 9.46 13.98
N CYS A 74 0.58 9.46 13.97
CA CYS A 74 0.77 8.00 13.87
CA CYS A 74 0.77 8.02 13.84
C CYS A 74 -0.41 7.37 13.12
C CYS A 74 -0.41 7.36 13.12
N GLN A 75 -1.64 7.75 13.46
CA GLN A 75 -2.85 7.22 12.81
C GLN A 75 -2.94 7.58 11.33
N LEU A 76 -2.51 8.81 10.95
CA LEU A 76 -2.47 9.25 9.56
C LEU A 76 -1.49 8.37 8.79
N ARG A 77 -0.30 8.11 9.35
CA ARG A 77 0.67 7.23 8.69
C ARG A 77 0.08 5.83 8.46
N THR A 78 -0.62 5.32 9.47
CA THR A 78 -1.28 4.01 9.41
C THR A 78 -2.31 3.93 8.29
N ILE A 79 -3.22 4.93 8.17
CA ILE A 79 -4.22 4.90 7.10
C ILE A 79 -3.57 5.06 5.73
N TYR A 80 -2.51 5.87 5.60
CA TYR A 80 -1.84 6.05 4.31
C TYR A 80 -1.07 4.80 3.88
N ILE A 81 -0.55 4.02 4.83
CA ILE A 81 0.09 2.74 4.53
C ILE A 81 -0.98 1.78 3.99
N CYS A 82 -2.16 1.77 4.62
CA CYS A 82 -3.30 0.97 4.20
C CYS A 82 -3.78 1.31 2.78
N GLN A 83 -3.93 2.62 2.49
CA GLN A 83 -4.32 3.13 1.18
C GLN A 83 -3.25 2.76 0.14
N PHE A 84 -1.95 2.90 0.49
CA PHE A 84 -0.85 2.56 -0.39
C PHE A 84 -0.89 1.08 -0.76
N LEU A 85 -1.01 0.17 0.24
CA LEU A 85 -1.06 -1.26 -0.05
C LEU A 85 -2.28 -1.63 -0.91
N THR A 86 -3.40 -0.94 -0.70
CA THR A 86 -4.64 -1.12 -1.43
C THR A 86 -4.45 -0.82 -2.93
N ARG A 87 -3.78 0.30 -3.27
CA ARG A 87 -3.53 0.65 -4.65
C ARG A 87 -2.54 -0.31 -5.28
N ILE A 88 -1.52 -0.75 -4.52
CA ILE A 88 -0.54 -1.71 -5.03
C ILE A 88 -1.26 -3.03 -5.34
N ALA A 89 -2.18 -3.49 -4.47
CA ALA A 89 -2.90 -4.75 -4.71
C ALA A 89 -3.82 -4.65 -5.90
N ALA A 90 -4.37 -3.46 -6.18
CA ALA A 90 -5.22 -3.25 -7.35
C ALA A 90 -4.39 -2.93 -8.64
N GLY A 91 -3.07 -2.93 -8.54
CA GLY A 91 -2.12 -2.59 -9.61
C GLY A 91 -2.38 -3.12 -11.00
N LYS A 92 -2.80 -4.38 -11.11
CA LYS A 92 -3.07 -4.97 -12.43
C LYS A 92 -4.56 -4.93 -12.83
N THR A 93 -5.42 -4.24 -12.07
CA THR A 93 -6.83 -4.14 -12.38
N ASP A 101 -13.11 7.67 -8.40
CA ASP A 101 -13.23 9.07 -8.80
C ASP A 101 -11.90 9.70 -9.26
N GLU A 102 -10.91 8.87 -9.64
CA GLU A 102 -9.58 9.31 -10.04
C GLU A 102 -9.28 8.92 -11.50
N ARG A 103 -8.76 9.87 -12.32
CA ARG A 103 -8.45 9.64 -13.73
C ARG A 103 -7.04 9.08 -13.98
N ILE A 104 -6.44 8.46 -12.97
CA ILE A 104 -5.12 7.85 -13.09
C ILE A 104 -5.24 6.35 -12.70
N THR A 105 -4.21 5.57 -12.99
CA THR A 105 -4.19 4.16 -12.66
C THR A 105 -3.88 3.94 -11.17
N PRO A 106 -4.24 2.74 -10.63
CA PRO A 106 -3.92 2.44 -9.22
C PRO A 106 -2.45 2.61 -8.84
N LEU A 107 -1.51 2.16 -9.68
CA LEU A 107 -0.08 2.31 -9.39
C LEU A 107 0.37 3.75 -9.40
N GLU A 108 -0.26 4.61 -10.21
CA GLU A 108 0.02 6.05 -10.18
C GLU A 108 -0.50 6.66 -8.86
N SER A 109 -1.64 6.19 -8.37
CA SER A 109 -2.22 6.62 -7.11
C SER A 109 -1.32 6.14 -5.94
N ALA A 110 -0.78 4.91 -5.99
CA ALA A 110 0.16 4.40 -5.00
C ALA A 110 1.41 5.27 -4.98
N LEU A 111 1.91 5.70 -6.14
CA LEU A 111 3.07 6.57 -6.27
C LEU A 111 2.83 7.93 -5.61
N MET A 112 1.61 8.49 -5.73
CA MET A 112 1.28 9.76 -5.09
C MET A 112 1.23 9.60 -3.58
N ILE A 113 0.71 8.47 -3.08
CA ILE A 113 0.64 8.24 -1.64
C ILE A 113 2.05 8.05 -1.10
N TRP A 114 2.85 7.23 -1.77
CA TRP A 114 4.23 6.95 -1.39
C TRP A 114 5.10 8.19 -1.20
N GLY A 115 4.99 9.15 -2.10
CA GLY A 115 5.78 10.38 -2.02
C GLY A 115 5.26 11.39 -1.02
N SER A 116 4.07 11.16 -0.45
CA SER A 116 3.48 12.09 0.51
C SER A 116 3.45 11.58 1.95
N ILE A 117 3.61 10.27 2.19
CA ILE A 117 3.63 9.70 3.54
C ILE A 117 4.76 10.33 4.35
N GLU A 118 4.53 10.61 5.64
CA GLU A 118 5.59 11.16 6.49
C GLU A 118 6.53 10.03 6.86
N LYS A 119 7.50 9.77 5.99
CA LYS A 119 8.47 8.70 6.18
C LYS A 119 9.83 9.10 5.58
N GLU A 120 10.92 8.44 6.00
CA GLU A 120 12.24 8.77 5.50
C GLU A 120 12.44 8.33 4.06
N HIS A 121 13.09 9.18 3.27
CA HIS A 121 13.37 8.88 1.88
C HIS A 121 14.76 8.26 1.80
N ASP A 122 14.85 7.01 2.27
CA ASP A 122 16.07 6.21 2.30
C ASP A 122 16.27 5.46 0.95
N LYS A 123 17.28 4.57 0.86
CA LYS A 123 17.54 3.80 -0.34
C LYS A 123 16.34 2.96 -0.75
N LEU A 124 15.68 2.30 0.23
CA LEU A 124 14.51 1.45 -0.01
C LEU A 124 13.34 2.27 -0.57
N HIS A 125 13.15 3.50 -0.06
CA HIS A 125 12.09 4.38 -0.54
C HIS A 125 12.26 4.70 -2.03
N GLU A 126 13.49 5.03 -2.46
CA GLU A 126 13.76 5.34 -3.87
C GLU A 126 13.58 4.12 -4.76
N GLU A 127 13.99 2.94 -4.29
CA GLU A 127 13.85 1.70 -5.05
C GLU A 127 12.38 1.38 -5.29
N ILE A 128 11.56 1.48 -4.23
CA ILE A 128 10.12 1.24 -4.35
C ILE A 128 9.50 2.27 -5.29
N GLN A 129 9.85 3.55 -5.13
CA GLN A 129 9.35 4.63 -5.98
C GLN A 129 9.63 4.37 -7.48
N ASN A 130 10.91 4.08 -7.83
CA ASN A 130 11.29 3.83 -9.22
C ASN A 130 10.67 2.56 -9.78
N LEU A 131 10.53 1.52 -8.96
CA LEU A 131 9.87 0.28 -9.37
C LEU A 131 8.41 0.51 -9.69
N ILE A 132 7.71 1.33 -8.87
CA ILE A 132 6.29 1.64 -9.11
C ILE A 132 6.15 2.46 -10.40
N LYS A 133 7.00 3.49 -10.60
CA LYS A 133 6.97 4.32 -11.80
C LYS A 133 7.07 3.49 -13.09
N ILE A 134 7.94 2.46 -13.11
CA ILE A 134 8.11 1.64 -14.31
C ILE A 134 7.01 0.60 -14.42
N GLN A 135 6.62 0.00 -13.30
CA GLN A 135 5.50 -0.93 -13.31
C GLN A 135 4.16 -0.27 -13.64
N ALA A 136 3.97 1.03 -13.35
CA ALA A 136 2.73 1.71 -13.73
C ALA A 136 2.59 1.70 -15.28
N ILE A 137 3.72 1.75 -16.01
CA ILE A 137 3.75 1.65 -17.46
C ILE A 137 3.65 0.18 -17.90
N ALA A 138 4.53 -0.71 -17.35
CA ALA A 138 4.61 -2.09 -17.72
C ALA A 138 3.31 -2.87 -17.50
N VAL A 139 2.51 -2.58 -16.45
CA VAL A 139 1.24 -3.31 -16.27
C VAL A 139 0.25 -2.98 -17.41
N CYS A 140 0.32 -1.77 -18.00
CA CYS A 140 -0.55 -1.42 -19.13
C CYS A 140 -0.12 -2.21 -20.35
N MET A 141 1.19 -2.35 -20.57
CA MET A 141 1.73 -3.13 -21.67
C MET A 141 1.40 -4.62 -21.50
N GLU A 142 1.46 -5.11 -20.26
CA GLU A 142 1.14 -6.51 -19.98
C GLU A 142 -0.33 -6.80 -20.35
N ASN A 143 -1.23 -5.85 -20.05
CA ASN A 143 -2.66 -5.94 -20.38
C ASN A 143 -3.02 -5.60 -21.84
N GLY A 144 -2.01 -5.29 -22.67
CA GLY A 144 -2.20 -4.97 -24.08
C GLY A 144 -2.72 -3.57 -24.38
N ASN A 145 -2.70 -2.66 -23.39
CA ASN A 145 -3.17 -1.28 -23.59
C ASN A 145 -1.98 -0.34 -23.68
N PHE A 146 -1.40 -0.26 -24.87
CA PHE A 146 -0.21 0.52 -25.15
C PHE A 146 -0.50 2.00 -25.27
N LYS A 147 -1.73 2.40 -25.67
CA LYS A 147 -2.10 3.82 -25.70
C LYS A 147 -2.10 4.32 -24.23
N GLU A 148 -2.60 3.50 -23.29
CA GLU A 148 -2.62 3.85 -21.87
C GLU A 148 -1.25 3.86 -21.28
N ALA A 149 -0.37 2.93 -21.70
CA ALA A 149 1.01 2.90 -21.22
C ALA A 149 1.72 4.23 -21.56
N GLU A 150 1.47 4.78 -22.76
CA GLU A 150 2.03 6.06 -23.19
C GLU A 150 1.44 7.22 -22.39
N GLU A 151 0.14 7.14 -22.03
CA GLU A 151 -0.54 8.17 -21.25
C GLU A 151 -0.02 8.20 -19.82
N VAL A 152 0.23 7.02 -19.25
CA VAL A 152 0.80 6.85 -17.92
C VAL A 152 2.23 7.43 -17.96
N PHE A 153 3.01 7.06 -18.97
CA PHE A 153 4.37 7.57 -19.14
C PHE A 153 4.40 9.12 -19.19
N GLU A 154 3.46 9.74 -19.91
CA GLU A 154 3.40 11.19 -20.02
C GLU A 154 3.04 11.84 -18.69
N ARG A 155 2.17 11.22 -17.90
CA ARG A 155 1.79 11.76 -16.60
C ARG A 155 2.95 11.70 -15.60
N ILE A 156 3.77 10.63 -15.65
CA ILE A 156 4.91 10.43 -14.74
C ILE A 156 6.23 11.10 -15.20
N PHE A 157 6.60 10.96 -16.48
CA PHE A 157 7.87 11.46 -17.02
C PHE A 157 7.77 12.71 -17.91
N GLY A 158 6.59 12.96 -18.46
N PRO A 165 17.32 11.92 -22.10
CA PRO A 165 17.67 10.83 -23.01
C PRO A 165 17.07 9.49 -22.57
N PHE A 166 17.01 9.27 -21.25
CA PHE A 166 16.41 8.06 -20.69
C PHE A 166 14.91 8.01 -21.07
N LYS A 167 14.22 9.17 -20.97
CA LYS A 167 12.81 9.29 -21.26
C LYS A 167 12.49 8.90 -22.72
N SER A 168 13.31 9.36 -23.67
N SER A 168 13.32 9.36 -23.66
CA SER A 168 13.12 9.06 -25.09
CA SER A 168 13.15 9.08 -25.09
C SER A 168 13.32 7.57 -25.39
C SER A 168 13.34 7.59 -25.39
N LYS A 169 14.22 6.91 -24.64
CA LYS A 169 14.49 5.48 -24.82
C LYS A 169 13.36 4.67 -24.20
N LEU A 170 12.87 5.07 -23.03
CA LEU A 170 11.75 4.41 -22.37
C LEU A 170 10.49 4.54 -23.23
N LEU A 171 10.26 5.73 -23.84
CA LEU A 171 9.11 5.92 -24.72
C LEU A 171 9.21 5.08 -26.01
N MET A 172 10.43 4.90 -26.55
CA MET A 172 10.66 4.10 -27.74
C MET A 172 10.33 2.63 -27.47
N ILE A 173 10.71 2.13 -26.27
CA ILE A 173 10.40 0.76 -25.78
C ILE A 173 8.88 0.51 -25.72
N ILE A 174 8.11 1.48 -25.19
CA ILE A 174 6.65 1.41 -25.09
C ILE A 174 6.06 1.42 -26.51
N SER A 175 6.54 2.35 -27.35
CA SER A 175 6.14 2.55 -28.74
C SER A 175 6.33 1.28 -29.61
N GLN A 176 7.41 0.53 -29.37
CA GLN A 176 7.69 -0.71 -30.08
C GLN A 176 7.04 -1.96 -29.40
N LYS A 177 6.23 -1.78 -28.36
CA LYS A 177 5.59 -2.85 -27.61
C LYS A 177 6.62 -3.89 -27.13
N ASP A 178 7.79 -3.40 -26.71
CA ASP A 178 8.89 -4.24 -26.24
C ASP A 178 8.74 -4.52 -24.76
N THR A 179 7.64 -5.21 -24.39
CA THR A 179 7.26 -5.54 -23.03
C THR A 179 8.32 -6.29 -22.25
N PHE A 180 9.05 -7.17 -22.93
CA PHE A 180 10.05 -8.00 -22.26
C PHE A 180 11.48 -7.50 -22.44
N HIS A 181 11.68 -6.19 -22.68
CA HIS A 181 13.00 -5.56 -22.79
C HIS A 181 13.73 -5.76 -21.45
N SER A 182 15.05 -5.93 -21.47
CA SER A 182 15.82 -6.15 -20.27
C SER A 182 15.61 -5.07 -19.19
N PHE A 183 15.26 -3.83 -19.59
CA PHE A 183 14.95 -2.74 -18.65
C PHE A 183 13.73 -3.15 -17.82
N PHE A 184 12.67 -3.64 -18.49
CA PHE A 184 11.44 -4.11 -17.84
C PHE A 184 11.64 -5.40 -17.08
N GLN A 185 12.64 -6.20 -17.44
CA GLN A 185 12.97 -7.42 -16.73
C GLN A 185 13.75 -7.07 -15.44
N HIS A 186 14.53 -5.99 -15.43
CA HIS A 186 15.22 -5.53 -14.22
C HIS A 186 14.19 -4.82 -13.30
N PHE A 187 13.39 -3.90 -13.84
CA PHE A 187 12.37 -3.20 -13.03
C PHE A 187 11.04 -3.94 -13.16
N SER A 188 11.05 -5.20 -12.74
CA SER A 188 9.92 -6.10 -12.87
C SER A 188 8.84 -5.96 -11.78
N TYR A 189 7.70 -6.60 -12.01
CA TYR A 189 6.60 -6.59 -11.10
C TYR A 189 6.97 -7.39 -9.85
N ASN A 190 7.62 -8.56 -10.03
CA ASN A 190 8.07 -9.41 -8.94
C ASN A 190 9.05 -8.63 -8.05
N HIS A 191 9.98 -7.86 -8.66
CA HIS A 191 10.95 -7.03 -7.94
C HIS A 191 10.27 -5.91 -7.17
N MET A 192 9.25 -5.30 -7.77
CA MET A 192 8.47 -4.27 -7.09
C MET A 192 7.76 -4.87 -5.86
N MET A 193 7.13 -6.03 -6.04
CA MET A 193 6.45 -6.70 -4.93
C MET A 193 7.40 -7.14 -3.82
N GLU A 194 8.58 -7.69 -4.17
CA GLU A 194 9.57 -8.09 -3.15
C GLU A 194 10.05 -6.89 -2.34
N LYS A 195 10.36 -5.74 -2.99
CA LYS A 195 10.83 -4.55 -2.28
C LYS A 195 9.74 -3.97 -1.40
N ILE A 196 8.49 -3.97 -1.88
CA ILE A 196 7.36 -3.48 -1.08
C ILE A 196 7.16 -4.41 0.13
N LYS A 197 7.27 -5.73 -0.07
CA LYS A 197 7.14 -6.70 1.02
C LYS A 197 8.21 -6.55 2.11
N SER A 198 9.44 -6.15 1.74
N SER A 198 9.45 -6.16 1.74
CA SER A 198 10.51 -5.91 2.70
CA SER A 198 10.49 -5.93 2.75
C SER A 198 10.14 -4.68 3.58
C SER A 198 10.13 -4.69 3.60
N TYR A 199 9.51 -3.67 2.99
CA TYR A 199 9.08 -2.48 3.71
C TYR A 199 7.90 -2.88 4.65
N VAL A 200 6.98 -3.71 4.15
CA VAL A 200 5.84 -4.20 4.92
C VAL A 200 6.30 -4.94 6.18
N ASN A 201 7.44 -5.66 6.10
CA ASN A 201 8.01 -6.36 7.25
C ASN A 201 8.41 -5.40 8.36
N TYR A 202 8.84 -4.19 8.02
CA TYR A 202 9.23 -3.20 9.02
C TYR A 202 7.97 -2.65 9.71
N VAL A 203 6.89 -2.42 8.94
CA VAL A 203 5.61 -1.96 9.48
C VAL A 203 5.02 -3.03 10.39
N LEU A 204 5.05 -4.28 9.94
CA LEU A 204 4.58 -5.46 10.65
C LEU A 204 5.30 -5.62 12.00
N SER A 205 6.63 -5.43 12.04
N SER A 205 6.64 -5.43 12.03
CA SER A 205 7.39 -5.54 13.27
CA SER A 205 7.37 -5.56 13.29
C SER A 205 7.07 -4.38 14.23
C SER A 205 7.06 -4.39 14.23
N GLU A 206 6.90 -3.18 13.68
CA GLU A 206 6.59 -1.98 14.45
C GLU A 206 5.22 -2.07 15.13
N LYS A 207 4.24 -2.69 14.45
CA LYS A 207 2.87 -2.83 14.94
C LYS A 207 2.53 -4.16 15.60
N SER A 208 3.37 -5.19 15.46
CA SER A 208 3.11 -6.53 16.01
C SER A 208 2.82 -6.56 17.52
N SER A 209 3.20 -5.48 18.21
CA SER A 209 3.05 -5.27 19.65
C SER A 209 1.82 -4.42 20.04
N THR A 210 1.03 -3.92 19.08
CA THR A 210 -0.13 -3.09 19.38
C THR A 210 -1.17 -3.85 20.24
N PHE A 211 -1.97 -3.10 21.04
CA PHE A 211 -2.92 -3.63 22.02
C PHE A 211 -3.80 -4.83 21.59
N LEU A 212 -4.56 -4.70 20.52
CA LEU A 212 -5.52 -5.72 20.13
C LEU A 212 -4.90 -7.06 19.71
N MET A 213 -3.87 -7.04 18.85
CA MET A 213 -3.24 -8.30 18.43
C MET A 213 -2.52 -8.97 19.60
N LYS A 214 -1.89 -8.17 20.47
CA LYS A 214 -1.18 -8.66 21.63
C LYS A 214 -2.15 -9.37 22.58
N ALA A 215 -3.33 -8.79 22.83
CA ALA A 215 -4.31 -9.39 23.73
C ALA A 215 -4.94 -10.65 23.11
N ALA A 216 -5.13 -10.64 21.78
CA ALA A 216 -5.69 -11.77 21.05
C ALA A 216 -4.74 -12.97 21.05
N ALA A 217 -3.43 -12.72 20.89
CA ALA A 217 -2.43 -13.78 20.89
C ALA A 217 -2.36 -14.48 22.25
N LYS A 218 -2.57 -13.72 23.35
CA LYS A 218 -2.53 -14.30 24.69
C LYS A 218 -3.70 -15.26 24.91
N VAL A 219 -4.89 -14.92 24.37
CA VAL A 219 -6.04 -15.79 24.51
C VAL A 219 -5.81 -17.10 23.75
N VAL A 220 -5.23 -17.02 22.54
CA VAL A 220 -4.92 -18.19 21.71
C VAL A 220 -3.81 -19.05 22.35
N GLU A 221 -2.80 -18.40 22.94
CA GLU A 221 -1.72 -19.11 23.61
C GLU A 221 -2.17 -19.80 24.90
N SER A 222 -3.18 -19.25 25.58
N SER A 222 -3.18 -19.25 25.58
CA SER A 222 -3.72 -19.87 26.80
CA SER A 222 -3.72 -19.85 26.80
C SER A 222 -4.57 -21.12 26.51
C SER A 222 -4.61 -21.08 26.53
N LYS A 223 -5.07 -21.27 25.28
CA LYS A 223 -5.89 -22.41 24.90
C LYS A 223 -5.04 -23.68 24.69
N ARG A 224 -3.81 -23.52 24.18
N1 A1ITZ B . -9.26 1.00 1.42
N3 A1ITZ B . -11.73 0.07 0.49
C4 A1ITZ B . -7.41 0.39 3.67
C5 A1ITZ B . -8.23 1.72 1.65
C6 A1ITZ B . -9.77 1.41 0.21
C7 A1ITZ B . -10.98 0.77 -0.36
C8 A1ITZ B . -11.25 0.89 -1.71
C10 A1ITZ B . -13.18 -0.46 -1.35
C1 A1ITZ B . -8.29 1.19 4.64
C2 A1ITZ B . -7.70 2.47 4.07
C3 A1ITZ B . -7.32 1.66 2.81
N2 A1ITZ B . -9.07 2.37 -0.32
O1 A1ITZ B . -8.03 2.58 0.61
C9 A1ITZ B . -12.38 0.25 -2.21
C11 A1ITZ B . -12.81 -0.53 -0.02
N1 A1ITZ C . 0.44 -10.24 -4.50
N3 A1ITZ C . 2.35 -10.96 -6.43
C4 A1ITZ C . -2.41 -10.31 -2.18
C5 A1ITZ C . -0.18 -9.88 -3.42
C6 A1ITZ C . 1.73 -10.52 -4.14
C7 A1ITZ C . 2.74 -10.90 -5.15
C8 A1ITZ C . 4.06 -11.14 -4.76
C10 A1ITZ C . 4.60 -11.53 -7.03
C1 A1ITZ C . -3.18 -9.03 -1.92
C2 A1ITZ C . -1.94 -8.28 -2.37
C3 A1ITZ C . -1.61 -9.51 -3.23
N2 A1ITZ C . 1.94 -10.33 -2.88
O1 A1ITZ C . 0.68 -9.92 -2.38
C9 A1ITZ C . 4.99 -11.46 -5.72
C11 A1ITZ C . 3.28 -11.27 -7.34
S DMS D . -4.06 -0.95 -16.08
O DMS D . -4.07 -1.70 -17.38
C1 DMS D . -5.70 -0.19 -15.91
C2 DMS D . -4.32 -2.14 -14.76
S DMS E . 14.25 5.37 -13.09
O DMS E . 14.77 6.53 -13.89
C1 DMS E . 12.46 5.31 -13.35
C2 DMS E . 14.70 3.85 -13.99
#